data_4UAE
#
_entry.id   4UAE
#
_cell.length_a   135.682
_cell.length_b   135.682
_cell.length_c   47.309
_cell.angle_alpha   90.00
_cell.angle_beta   90.00
_cell.angle_gamma   90.00
#
_symmetry.space_group_name_H-M   'P 41'
#
loop_
_entity.id
_entity.type
_entity.pdbx_description
1 polymer 'Importin subunit alpha-3'
2 polymer 'Polymerase basic protein 2'
3 non-polymer 'SULFATE ION'
4 water water
#
loop_
_entity_poly.entity_id
_entity_poly.type
_entity_poly.pdbx_seq_one_letter_code
_entity_poly.pdbx_strand_id
1 'polypeptide(L)'
;MVQNTSLEAIVQNASSDNQGIQLSAVQAARKLLSSDRNPPIDDLIKSGILPILVHCLERDDNPSLQFEAAWALTNIASGT
SEQTQAVVQSNAVPLFLRLLHSPHQNVCEQAVWALGNIIGDGPQCRDYVISLGVVKPLLSFISPSIPITFLRNVTWVMVN
LCRHKDPPPPMETIQEILPALCVLIHHTDVNILVDTVWALSYLTDAGNEQIQMVIDSGIVPHLVPLLSHQEVKVQTAALR
AVGNIVTGTDEQTQVVLNCDALSHFPALLTHPKEKINKEAVWFLSNITAGNQQQVQAVIDANLVPMIIHLLDKGDFGTQK
EAAWAISNLTISGRKDQVAYLIQQNVIPPFCNLLTVKDAQVVQVVLDGLSNILKMAEDEAETIGNLIEECGGLEKIEQLQ
NHENEDIYKLAYEIIDQFFSS
;
A
2 'polypeptide(L)'
;GPLGSDPDESTSGVESAVLRGFLILGKEDRRYGPALSINELSNLAKGEKANVLIGQGDVVLVMKRKRDSSILTDSQTATK
RIRMAIN
;
F
#
# COMPACT_ATOMS: atom_id res chain seq x y z
N THR A 5 -24.75 41.20 4.64
CA THR A 5 -24.81 39.76 4.83
C THR A 5 -23.47 39.21 5.33
N SER A 6 -23.27 39.30 6.63
CA SER A 6 -22.07 38.89 7.29
C SER A 6 -22.12 37.49 7.88
N LEU A 7 -21.01 37.05 8.47
CA LEU A 7 -20.89 35.74 9.09
C LEU A 7 -21.57 35.73 10.45
N GLU A 8 -21.47 36.86 11.14
CA GLU A 8 -22.02 37.01 12.47
C GLU A 8 -23.54 37.05 12.39
N ALA A 9 -24.04 37.57 11.28
CA ALA A 9 -25.47 37.61 11.02
C ALA A 9 -25.98 36.20 10.74
N ILE A 10 -25.21 35.46 9.95
CA ILE A 10 -25.57 34.10 9.62
C ILE A 10 -25.72 33.22 10.86
N VAL A 11 -24.80 33.34 11.81
CA VAL A 11 -24.91 32.48 12.98
C VAL A 11 -26.11 32.89 13.81
N GLN A 12 -26.49 34.16 13.73
CA GLN A 12 -27.64 34.65 14.49
C GLN A 12 -28.93 34.05 13.95
N ASN A 13 -29.21 34.30 12.68
CA ASN A 13 -30.38 33.74 12.02
C ASN A 13 -30.45 32.23 12.13
N ALA A 14 -29.30 31.59 12.31
CA ALA A 14 -29.26 30.14 12.42
C ALA A 14 -29.81 29.67 13.76
N SER A 15 -29.92 30.59 14.70
CA SER A 15 -30.40 30.27 16.04
C SER A 15 -31.90 30.45 16.13
N SER A 16 -32.47 31.17 15.16
CA SER A 16 -33.89 31.46 15.12
C SER A 16 -34.74 30.23 15.43
N ASP A 17 -35.88 30.46 16.05
CA ASP A 17 -36.79 29.38 16.39
C ASP A 17 -37.69 29.12 15.21
N ASN A 18 -37.65 30.04 14.26
CA ASN A 18 -38.35 29.85 13.00
C ASN A 18 -37.48 28.99 12.08
N GLN A 19 -38.08 28.11 11.29
CA GLN A 19 -37.27 27.19 10.52
C GLN A 19 -36.89 27.67 9.12
N GLY A 20 -37.78 28.41 8.47
CA GLY A 20 -37.47 29.05 7.21
C GLY A 20 -36.21 29.87 7.32
N ILE A 21 -36.21 30.80 8.28
CA ILE A 21 -35.11 31.70 8.52
C ILE A 21 -33.83 30.92 8.82
N GLN A 22 -33.96 29.94 9.69
CA GLN A 22 -32.86 29.06 10.06
C GLN A 22 -32.26 28.31 8.85
N LEU A 23 -33.12 27.73 8.01
CA LEU A 23 -32.68 26.95 6.84
C LEU A 23 -31.89 27.82 5.89
N SER A 24 -32.45 28.97 5.58
CA SER A 24 -31.82 29.99 4.78
C SER A 24 -30.42 30.36 5.27
N ALA A 25 -30.28 30.44 6.59
CA ALA A 25 -29.02 30.82 7.21
C ALA A 25 -28.00 29.70 7.11
N VAL A 26 -28.48 28.47 7.29
CA VAL A 26 -27.63 27.31 7.25
C VAL A 26 -27.19 27.08 5.80
N GLN A 27 -28.05 27.45 4.87
CA GLN A 27 -27.72 27.39 3.46
C GLN A 27 -26.63 28.39 3.17
N ALA A 28 -26.75 29.58 3.74
CA ALA A 28 -25.70 30.58 3.62
C ALA A 28 -24.36 30.09 4.17
N ALA A 29 -24.39 29.35 5.26
CA ALA A 29 -23.16 28.87 5.86
C ALA A 29 -22.52 27.81 4.98
N ARG A 30 -23.36 27.01 4.36
CA ARG A 30 -22.90 26.03 3.40
C ARG A 30 -22.25 26.70 2.19
N LYS A 31 -22.84 27.79 1.72
CA LYS A 31 -22.31 28.46 0.54
C LYS A 31 -20.95 29.08 0.79
N LEU A 32 -20.73 29.60 1.99
CA LEU A 32 -19.41 30.10 2.35
C LEU A 32 -18.39 28.99 2.41
N LEU A 33 -18.89 27.77 2.61
CA LEU A 33 -18.03 26.61 2.79
C LEU A 33 -17.86 25.80 1.50
N SER A 34 -18.38 26.32 0.39
CA SER A 34 -18.16 25.66 -0.89
C SER A 34 -18.01 26.69 -2.02
N SER A 35 -17.22 27.73 -1.75
CA SER A 35 -16.98 28.83 -2.70
C SER A 35 -15.60 28.73 -3.36
N ASP A 36 -14.73 27.91 -2.78
CA ASP A 36 -13.40 27.67 -3.34
C ASP A 36 -12.74 26.47 -2.67
N ARG A 37 -11.44 26.32 -2.88
CA ARG A 37 -10.71 25.17 -2.34
C ARG A 37 -10.11 25.49 -0.99
N ASN A 38 -10.19 26.75 -0.59
CA ASN A 38 -9.73 27.18 0.73
C ASN A 38 -10.80 28.00 1.46
N PRO A 39 -11.88 27.34 1.89
CA PRO A 39 -13.03 28.00 2.54
C PRO A 39 -12.64 28.59 3.89
N PRO A 40 -13.40 29.58 4.38
CA PRO A 40 -13.13 30.21 5.68
C PRO A 40 -13.48 29.31 6.87
N ILE A 41 -13.02 28.06 6.82
CA ILE A 41 -13.39 27.05 7.81
C ILE A 41 -13.07 27.45 9.23
N ASP A 42 -11.83 27.86 9.50
CA ASP A 42 -11.45 28.22 10.86
C ASP A 42 -12.36 29.31 11.39
N ASP A 43 -12.74 30.25 10.53
CA ASP A 43 -13.61 31.32 10.93
C ASP A 43 -14.99 30.81 11.25
N LEU A 44 -15.47 29.87 10.44
CA LEU A 44 -16.77 29.26 10.66
C LEU A 44 -16.80 28.52 11.99
N ILE A 45 -15.72 27.79 12.28
CA ILE A 45 -15.60 27.06 13.52
C ILE A 45 -15.58 27.99 14.74
N LYS A 46 -15.05 29.19 14.52
CA LYS A 46 -14.93 30.16 15.61
C LYS A 46 -16.23 30.93 15.82
N SER A 47 -17.12 30.88 14.84
CA SER A 47 -18.36 31.65 14.91
C SER A 47 -19.39 31.04 15.85
N GLY A 48 -19.19 29.79 16.25
CA GLY A 48 -20.10 29.11 17.13
C GLY A 48 -21.22 28.42 16.37
N ILE A 49 -21.07 28.30 15.06
CA ILE A 49 -22.08 27.71 14.20
C ILE A 49 -22.16 26.19 14.36
N LEU A 50 -21.08 25.57 14.81
CA LEU A 50 -20.98 24.12 14.90
C LEU A 50 -22.06 23.45 15.75
N PRO A 51 -22.33 23.99 16.96
CA PRO A 51 -23.39 23.32 17.74
C PRO A 51 -24.75 23.48 17.11
N ILE A 52 -24.97 24.63 16.49
CA ILE A 52 -26.22 24.88 15.79
C ILE A 52 -26.40 23.91 14.64
N LEU A 53 -25.36 23.75 13.84
CA LEU A 53 -25.42 22.85 12.69
C LEU A 53 -25.67 21.42 13.15
N VAL A 54 -25.03 21.03 14.24
CA VAL A 54 -25.17 19.69 14.74
C VAL A 54 -26.61 19.43 15.15
N HIS A 55 -27.21 20.38 15.85
CA HIS A 55 -28.59 20.23 16.32
C HIS A 55 -29.60 20.16 15.19
N CYS A 56 -29.22 20.70 14.03
CA CYS A 56 -30.11 20.67 12.87
C CYS A 56 -30.25 19.26 12.34
N LEU A 57 -29.30 18.39 12.67
CA LEU A 57 -29.35 17.03 12.14
C LEU A 57 -30.50 16.31 12.81
N GLU A 58 -30.89 16.79 13.97
CA GLU A 58 -31.99 16.20 14.71
C GLU A 58 -33.34 16.40 14.04
N ARG A 59 -33.44 17.39 13.15
CA ARG A 59 -34.73 17.83 12.65
C ARG A 59 -35.32 16.93 11.59
N ASP A 60 -35.89 15.80 12.00
CA ASP A 60 -36.48 14.86 11.05
C ASP A 60 -37.63 15.46 10.24
N ASP A 61 -38.15 16.59 10.70
CA ASP A 61 -39.29 17.21 10.04
C ASP A 61 -38.85 18.00 8.85
N ASN A 62 -37.54 18.19 8.71
CA ASN A 62 -36.98 19.01 7.66
C ASN A 62 -35.73 18.43 7.02
N PRO A 63 -35.90 17.48 6.10
CA PRO A 63 -34.78 16.91 5.34
C PRO A 63 -33.90 17.92 4.63
N SER A 64 -34.45 19.02 4.11
CA SER A 64 -33.66 20.07 3.49
C SER A 64 -32.64 20.61 4.50
N LEU A 65 -33.12 20.89 5.69
CA LEU A 65 -32.26 21.43 6.73
C LEU A 65 -31.24 20.41 7.20
N GLN A 66 -31.65 19.16 7.36
CA GLN A 66 -30.74 18.11 7.75
C GLN A 66 -29.64 17.99 6.71
N PHE A 67 -30.03 18.03 5.44
CA PHE A 67 -29.10 17.89 4.34
C PHE A 67 -28.15 19.08 4.23
N GLU A 68 -28.67 20.29 4.40
CA GLU A 68 -27.81 21.47 4.29
C GLU A 68 -26.82 21.54 5.44
N ALA A 69 -27.29 21.18 6.61
CA ALA A 69 -26.45 21.24 7.79
C ALA A 69 -25.37 20.22 7.69
N ALA A 70 -25.75 19.03 7.24
CA ALA A 70 -24.82 17.94 7.04
C ALA A 70 -23.75 18.31 6.01
N TRP A 71 -24.18 18.95 4.92
CA TRP A 71 -23.28 19.46 3.91
C TRP A 71 -22.28 20.48 4.47
N ALA A 72 -22.75 21.46 5.23
CA ALA A 72 -21.82 22.39 5.85
C ALA A 72 -20.82 21.68 6.75
N LEU A 73 -21.29 20.70 7.52
CA LEU A 73 -20.41 20.00 8.46
C LEU A 73 -19.37 19.17 7.71
N THR A 74 -19.83 18.51 6.65
CA THR A 74 -18.98 17.72 5.78
C THR A 74 -17.77 18.49 5.27
N ASN A 75 -17.99 19.75 4.88
CA ASN A 75 -16.94 20.57 4.33
C ASN A 75 -15.99 21.04 5.39
N ILE A 76 -16.49 21.23 6.60
CA ILE A 76 -15.62 21.58 7.69
C ILE A 76 -14.72 20.41 8.01
N ALA A 77 -15.24 19.20 7.86
CA ALA A 77 -14.50 18.01 8.22
C ALA A 77 -13.54 17.57 7.12
N SER A 78 -13.70 18.14 5.92
CA SER A 78 -12.82 17.84 4.80
C SER A 78 -11.45 18.47 4.98
N GLY A 79 -11.35 19.38 5.95
CA GLY A 79 -10.12 20.09 6.21
C GLY A 79 -9.07 19.35 7.01
N THR A 80 -8.32 20.09 7.81
CA THR A 80 -7.20 19.51 8.54
C THR A 80 -7.70 18.67 9.69
N SER A 81 -6.80 17.96 10.36
CA SER A 81 -7.22 17.06 11.42
C SER A 81 -7.92 17.83 12.51
N GLU A 82 -7.34 18.97 12.86
CA GLU A 82 -7.88 19.87 13.87
C GLU A 82 -9.27 20.38 13.51
N GLN A 83 -9.53 20.54 12.22
CA GLN A 83 -10.83 21.00 11.74
C GLN A 83 -11.85 19.87 11.70
N THR A 84 -11.41 18.68 11.34
CA THR A 84 -12.26 17.51 11.40
C THR A 84 -12.62 17.26 12.86
N GLN A 85 -11.60 17.35 13.71
CA GLN A 85 -11.78 17.10 15.14
C GLN A 85 -12.80 18.04 15.77
N ALA A 86 -12.86 19.27 15.29
CA ALA A 86 -13.81 20.23 15.77
C ALA A 86 -15.22 19.76 15.48
N VAL A 87 -15.37 19.05 14.37
CA VAL A 87 -16.69 18.56 14.04
C VAL A 87 -17.05 17.40 14.96
N VAL A 88 -16.12 16.51 15.21
CA VAL A 88 -16.47 15.34 16.01
C VAL A 88 -16.60 15.74 17.47
N GLN A 89 -15.90 16.79 17.86
CA GLN A 89 -15.94 17.23 19.26
C GLN A 89 -17.24 17.97 19.57
N SER A 90 -18.02 18.26 18.53
CA SER A 90 -19.34 18.85 18.68
C SER A 90 -20.41 17.79 18.78
N ASN A 91 -19.98 16.55 18.85
CA ASN A 91 -20.83 15.38 19.02
C ASN A 91 -21.71 15.11 17.81
N ALA A 92 -21.15 15.37 16.63
CA ALA A 92 -21.85 15.20 15.37
C ALA A 92 -21.96 13.75 14.93
N VAL A 93 -20.92 12.97 15.24
CA VAL A 93 -20.81 11.60 14.74
C VAL A 93 -22.02 10.70 15.03
N PRO A 94 -22.53 10.68 16.27
CA PRO A 94 -23.68 9.80 16.53
C PRO A 94 -24.94 10.20 15.75
N LEU A 95 -25.00 11.45 15.36
CA LEU A 95 -26.15 11.96 14.62
C LEU A 95 -26.05 11.59 13.16
N PHE A 96 -24.84 11.60 12.64
CA PHE A 96 -24.62 11.10 11.29
C PHE A 96 -25.00 9.63 11.22
N LEU A 97 -24.64 8.86 12.23
CA LEU A 97 -24.99 7.45 12.23
C LEU A 97 -26.49 7.27 12.23
N ARG A 98 -27.18 8.07 13.03
CA ARG A 98 -28.63 8.13 13.04
C ARG A 98 -29.22 8.39 11.65
N LEU A 99 -28.60 9.33 10.94
CA LEU A 99 -29.08 9.72 9.63
C LEU A 99 -28.85 8.68 8.55
N LEU A 100 -28.11 7.63 8.88
CA LEU A 100 -27.89 6.55 7.93
C LEU A 100 -29.13 5.70 7.85
N HIS A 101 -30.06 5.90 8.78
CA HIS A 101 -31.31 5.17 8.81
C HIS A 101 -32.46 6.03 8.33
N SER A 102 -32.13 7.27 7.96
CA SER A 102 -33.06 8.19 7.33
C SER A 102 -33.73 7.57 6.12
N PRO A 103 -35.02 7.83 5.93
CA PRO A 103 -35.71 7.30 4.76
C PRO A 103 -35.42 8.11 3.50
N HIS A 104 -34.70 9.21 3.65
CA HIS A 104 -34.42 10.12 2.55
C HIS A 104 -33.00 9.96 2.04
N GLN A 105 -32.86 9.76 0.75
CA GLN A 105 -31.58 9.40 0.17
C GLN A 105 -30.57 10.53 0.26
N ASN A 106 -31.03 11.76 0.04
CA ASN A 106 -30.17 12.92 0.13
C ASN A 106 -29.48 13.06 1.49
N VAL A 107 -30.24 12.83 2.57
CA VAL A 107 -29.73 12.94 3.92
C VAL A 107 -28.79 11.78 4.24
N CYS A 108 -29.16 10.58 3.81
CA CYS A 108 -28.30 9.42 3.95
C CYS A 108 -26.97 9.66 3.31
N GLU A 109 -26.98 10.27 2.15
CA GLU A 109 -25.79 10.34 1.34
C GLU A 109 -24.84 11.36 1.92
N GLN A 110 -25.39 12.41 2.49
CA GLN A 110 -24.55 13.46 3.03
C GLN A 110 -24.01 13.02 4.38
N ALA A 111 -24.73 12.14 5.05
CA ALA A 111 -24.24 11.58 6.28
C ALA A 111 -23.09 10.63 5.98
N VAL A 112 -23.22 9.85 4.93
CA VAL A 112 -22.17 8.93 4.49
C VAL A 112 -20.90 9.70 4.18
N TRP A 113 -21.03 10.77 3.42
CA TRP A 113 -19.91 11.59 3.00
C TRP A 113 -19.19 12.19 4.19
N ALA A 114 -19.94 12.79 5.10
CA ALA A 114 -19.35 13.43 6.27
C ALA A 114 -18.64 12.43 7.15
N LEU A 115 -19.17 11.21 7.22
CA LEU A 115 -18.56 10.17 8.02
C LEU A 115 -17.28 9.68 7.40
N GLY A 116 -17.22 9.71 6.07
CA GLY A 116 -16.03 9.35 5.34
C GLY A 116 -14.86 10.25 5.64
N ASN A 117 -15.10 11.55 5.68
CA ASN A 117 -14.05 12.48 6.06
C ASN A 117 -13.55 12.27 7.49
N ILE A 118 -14.46 11.96 8.39
CA ILE A 118 -14.14 11.72 9.79
C ILE A 118 -13.37 10.42 9.99
N ILE A 119 -13.81 9.38 9.29
CA ILE A 119 -13.13 8.09 9.28
C ILE A 119 -11.72 8.21 8.68
N GLY A 120 -11.56 9.08 7.69
CA GLY A 120 -10.30 9.18 7.00
C GLY A 120 -9.23 9.92 7.77
N ASP A 121 -9.62 10.48 8.92
CA ASP A 121 -8.74 11.37 9.66
C ASP A 121 -7.67 10.60 10.37
N GLY A 122 -7.97 9.35 10.66
CA GLY A 122 -7.02 8.50 11.33
C GLY A 122 -7.63 7.22 11.81
N PRO A 123 -6.79 6.34 12.36
CA PRO A 123 -7.20 5.04 12.88
C PRO A 123 -8.06 5.14 14.13
N GLN A 124 -7.83 6.14 14.98
CA GLN A 124 -8.63 6.28 16.19
C GLN A 124 -10.06 6.66 15.82
N CYS A 125 -10.19 7.58 14.86
CA CYS A 125 -11.49 8.01 14.36
C CYS A 125 -12.17 6.91 13.58
N ARG A 126 -11.38 6.15 12.85
CA ARG A 126 -11.88 5.01 12.13
C ARG A 126 -12.52 4.02 13.09
N ASP A 127 -11.76 3.65 14.14
CA ASP A 127 -12.17 2.68 15.13
C ASP A 127 -13.38 3.11 15.94
N TYR A 128 -13.50 4.41 16.16
CA TYR A 128 -14.62 4.94 16.89
C TYR A 128 -15.89 4.88 16.06
N VAL A 129 -15.84 5.33 14.81
CA VAL A 129 -17.01 5.30 13.96
C VAL A 129 -17.43 3.85 13.69
N ILE A 130 -16.45 2.97 13.56
CA ILE A 130 -16.71 1.54 13.44
C ILE A 130 -17.42 0.98 14.66
N SER A 131 -16.88 1.26 15.85
CA SER A 131 -17.42 0.68 17.08
C SER A 131 -18.86 1.09 17.37
N LEU A 132 -19.29 2.18 16.78
CA LEU A 132 -20.67 2.63 16.89
C LEU A 132 -21.54 1.90 15.88
N GLY A 133 -20.90 1.17 14.96
CA GLY A 133 -21.59 0.31 14.04
C GLY A 133 -21.93 0.92 12.69
N VAL A 134 -20.97 1.59 12.06
CA VAL A 134 -21.20 2.24 10.77
C VAL A 134 -21.22 1.26 9.59
N VAL A 135 -20.48 0.17 9.68
CA VAL A 135 -20.20 -0.62 8.49
C VAL A 135 -21.45 -1.28 7.92
N LYS A 136 -22.22 -1.93 8.76
CA LYS A 136 -23.42 -2.62 8.31
C LYS A 136 -24.47 -1.67 7.66
N PRO A 137 -24.83 -0.54 8.30
CA PRO A 137 -25.68 0.43 7.59
C PRO A 137 -25.11 0.91 6.26
N LEU A 138 -23.82 1.24 6.23
CA LEU A 138 -23.16 1.66 5.00
C LEU A 138 -23.32 0.64 3.88
N LEU A 139 -22.93 -0.60 4.14
CA LEU A 139 -22.94 -1.62 3.11
C LEU A 139 -24.33 -2.04 2.71
N SER A 140 -25.32 -1.60 3.47
CA SER A 140 -26.69 -1.98 3.16
C SER A 140 -27.18 -1.14 1.99
N PHE A 141 -26.64 0.06 1.86
CA PHE A 141 -26.98 0.92 0.73
C PHE A 141 -26.66 0.28 -0.62
N ILE A 142 -25.68 -0.61 -0.65
CA ILE A 142 -25.27 -1.24 -1.90
C ILE A 142 -26.38 -2.10 -2.43
N SER A 143 -26.94 -1.66 -3.55
CA SER A 143 -28.03 -2.36 -4.21
C SER A 143 -27.98 -1.96 -5.66
N PRO A 144 -28.72 -2.66 -6.53
CA PRO A 144 -28.61 -2.23 -7.92
C PRO A 144 -29.39 -0.95 -8.19
N SER A 145 -30.34 -0.62 -7.33
CA SER A 145 -31.16 0.55 -7.52
C SER A 145 -30.50 1.83 -6.98
N ILE A 146 -29.31 1.71 -6.42
CA ILE A 146 -28.64 2.86 -5.87
C ILE A 146 -27.98 3.67 -6.99
N PRO A 147 -28.15 4.99 -6.95
CA PRO A 147 -27.51 5.90 -7.90
C PRO A 147 -25.99 5.86 -7.84
N ILE A 148 -25.37 5.67 -9.00
CA ILE A 148 -23.94 5.55 -9.14
C ILE A 148 -23.17 6.55 -8.30
N THR A 149 -23.61 7.81 -8.28
CA THR A 149 -22.90 8.81 -7.52
C THR A 149 -22.95 8.52 -6.04
N PHE A 150 -24.04 7.89 -5.59
CA PHE A 150 -24.17 7.47 -4.19
C PHE A 150 -23.22 6.32 -3.95
N LEU A 151 -23.26 5.34 -4.84
CA LEU A 151 -22.43 4.15 -4.69
C LEU A 151 -20.94 4.48 -4.67
N ARG A 152 -20.54 5.50 -5.42
CA ARG A 152 -19.15 5.94 -5.43
C ARG A 152 -18.73 6.47 -4.08
N ASN A 153 -19.66 7.10 -3.38
CA ASN A 153 -19.35 7.62 -2.06
C ASN A 153 -19.24 6.51 -1.03
N VAL A 154 -20.13 5.54 -1.10
CA VAL A 154 -20.09 4.40 -0.23
C VAL A 154 -18.75 3.68 -0.37
N THR A 155 -18.35 3.39 -1.60
CA THR A 155 -17.10 2.68 -1.85
C THR A 155 -15.87 3.47 -1.42
N TRP A 156 -15.97 4.80 -1.45
CA TRP A 156 -14.88 5.63 -0.97
C TRP A 156 -14.74 5.55 0.55
N VAL A 157 -15.86 5.48 1.26
CA VAL A 157 -15.83 5.41 2.70
C VAL A 157 -15.35 4.04 3.09
N MET A 158 -15.72 3.05 2.29
CA MET A 158 -15.23 1.68 2.40
C MET A 158 -13.71 1.62 2.39
N VAL A 159 -13.09 2.40 1.50
CA VAL A 159 -11.63 2.46 1.47
C VAL A 159 -11.08 2.98 2.77
N ASN A 160 -11.59 4.13 3.20
CA ASN A 160 -11.17 4.77 4.43
C ASN A 160 -11.29 3.87 5.64
N LEU A 161 -12.28 3.00 5.61
CA LEU A 161 -12.50 2.02 6.66
C LEU A 161 -11.43 0.94 6.67
N CYS A 162 -10.76 0.76 5.53
CA CYS A 162 -9.77 -0.30 5.38
C CYS A 162 -8.36 0.21 5.55
N ARG A 163 -8.22 1.52 5.47
CA ARG A 163 -6.94 2.21 5.54
C ARG A 163 -6.38 2.24 6.97
N HIS A 164 -5.06 2.34 7.09
CA HIS A 164 -4.30 2.32 8.35
C HIS A 164 -4.11 0.96 8.99
N LYS A 165 -2.86 0.51 9.04
CA LYS A 165 -2.50 -0.83 9.50
C LYS A 165 -1.89 -0.97 10.86
N ASP A 166 -1.83 0.12 11.58
CA ASP A 166 -1.35 0.15 12.95
C ASP A 166 -2.17 1.14 13.76
N PRO A 167 -3.30 0.71 14.31
CA PRO A 167 -3.86 -0.65 14.30
C PRO A 167 -4.67 -0.91 13.04
N PRO A 168 -4.73 -2.17 12.60
CA PRO A 168 -5.46 -2.50 11.38
C PRO A 168 -6.93 -2.57 11.68
N PRO A 169 -7.77 -2.60 10.65
CA PRO A 169 -9.19 -2.67 10.99
C PRO A 169 -9.52 -3.97 11.68
N PRO A 170 -10.54 -3.95 12.53
CA PRO A 170 -10.91 -5.10 13.35
C PRO A 170 -11.43 -6.22 12.49
N MET A 171 -11.38 -7.43 13.01
CA MET A 171 -11.86 -8.61 12.34
C MET A 171 -13.23 -8.45 11.76
N GLU A 172 -14.15 -7.98 12.60
CA GLU A 172 -15.55 -7.84 12.24
C GLU A 172 -15.75 -6.94 11.03
N THR A 173 -14.98 -5.86 10.95
CA THR A 173 -15.07 -4.92 9.85
C THR A 173 -14.66 -5.56 8.54
N ILE A 174 -13.48 -6.16 8.54
CA ILE A 174 -12.95 -6.89 7.39
C ILE A 174 -13.89 -7.99 6.90
N GLN A 175 -14.42 -8.77 7.82
CA GLN A 175 -15.33 -9.84 7.44
C GLN A 175 -16.63 -9.30 6.87
N GLU A 176 -16.97 -8.07 7.20
CA GLU A 176 -18.17 -7.43 6.66
C GLU A 176 -17.88 -6.88 5.29
N ILE A 177 -16.71 -6.26 5.16
CA ILE A 177 -16.36 -5.52 3.96
C ILE A 177 -15.99 -6.43 2.79
N LEU A 178 -15.29 -7.53 3.07
CA LEU A 178 -14.86 -8.44 2.00
C LEU A 178 -16.01 -8.93 1.11
N PRO A 179 -17.10 -9.45 1.70
CA PRO A 179 -18.14 -9.89 0.78
C PRO A 179 -18.79 -8.76 -0.03
N ALA A 180 -18.74 -7.53 0.45
CA ALA A 180 -19.23 -6.41 -0.33
C ALA A 180 -18.25 -6.08 -1.48
N LEU A 181 -16.97 -6.33 -1.26
CA LEU A 181 -15.96 -6.17 -2.29
C LEU A 181 -16.10 -7.21 -3.39
N CYS A 182 -16.52 -8.41 -3.01
CA CYS A 182 -16.71 -9.48 -3.99
C CYS A 182 -17.77 -9.03 -4.98
N VAL A 183 -18.75 -8.31 -4.47
CA VAL A 183 -19.81 -7.80 -5.31
C VAL A 183 -19.32 -6.68 -6.21
N LEU A 184 -18.63 -5.70 -5.63
CA LEU A 184 -18.30 -4.48 -6.34
C LEU A 184 -17.17 -4.62 -7.36
N ILE A 185 -16.36 -5.66 -7.21
CA ILE A 185 -15.25 -5.89 -8.11
C ILE A 185 -15.78 -6.23 -9.50
N HIS A 186 -17.06 -6.55 -9.59
CA HIS A 186 -17.69 -6.86 -10.86
C HIS A 186 -18.35 -5.67 -11.50
N HIS A 187 -18.29 -4.51 -10.86
CA HIS A 187 -18.91 -3.32 -11.40
C HIS A 187 -18.16 -2.84 -12.65
N THR A 188 -18.87 -2.17 -13.55
CA THR A 188 -18.26 -1.66 -14.77
C THR A 188 -17.73 -0.25 -14.57
N ASP A 189 -18.32 0.48 -13.62
CA ASP A 189 -17.90 1.84 -13.31
C ASP A 189 -16.47 1.89 -12.83
N VAL A 190 -15.68 2.75 -13.46
CA VAL A 190 -14.25 2.80 -13.21
C VAL A 190 -13.90 3.30 -11.81
N ASN A 191 -14.57 4.36 -11.38
CA ASN A 191 -14.32 4.93 -10.05
C ASN A 191 -14.55 3.93 -8.94
N ILE A 192 -15.62 3.17 -9.08
CA ILE A 192 -16.00 2.16 -8.12
C ILE A 192 -15.03 1.01 -8.11
N LEU A 193 -14.60 0.63 -9.30
CA LEU A 193 -13.67 -0.47 -9.49
C LEU A 193 -12.34 -0.14 -8.84
N VAL A 194 -11.91 1.09 -9.05
CA VAL A 194 -10.65 1.57 -8.49
C VAL A 194 -10.64 1.53 -6.97
N ASP A 195 -11.73 1.99 -6.38
CA ASP A 195 -11.90 2.01 -4.94
C ASP A 195 -11.99 0.61 -4.35
N THR A 196 -12.81 -0.23 -4.96
CA THR A 196 -12.90 -1.65 -4.60
C THR A 196 -11.52 -2.30 -4.54
N VAL A 197 -10.70 -2.01 -5.52
CA VAL A 197 -9.36 -2.58 -5.57
C VAL A 197 -8.42 -1.91 -4.55
N TRP A 198 -8.53 -0.60 -4.37
CA TRP A 198 -7.72 0.06 -3.32
C TRP A 198 -8.13 -0.38 -1.91
N ALA A 199 -9.39 -0.68 -1.71
CA ALA A 199 -9.80 -1.20 -0.42
C ALA A 199 -9.12 -2.55 -0.21
N LEU A 200 -8.97 -3.32 -1.29
CA LEU A 200 -8.26 -4.60 -1.18
C LEU A 200 -6.78 -4.41 -0.93
N SER A 201 -6.23 -3.32 -1.45
CA SER A 201 -4.83 -3.00 -1.18
C SER A 201 -4.59 -2.96 0.30
N TYR A 202 -5.31 -2.07 0.96
CA TYR A 202 -5.13 -1.82 2.37
C TYR A 202 -5.40 -3.05 3.18
N LEU A 203 -6.43 -3.79 2.82
CA LEU A 203 -6.73 -5.03 3.50
C LEU A 203 -5.53 -5.97 3.46
N THR A 204 -4.96 -6.15 2.27
CA THR A 204 -3.82 -7.04 2.07
C THR A 204 -2.53 -6.45 2.63
N ASP A 205 -2.60 -5.22 3.11
CA ASP A 205 -1.41 -4.54 3.57
C ASP A 205 -1.20 -4.74 5.06
N ALA A 206 -2.25 -5.16 5.74
CA ALA A 206 -2.20 -5.34 7.19
C ALA A 206 -1.47 -6.62 7.55
N GLY A 207 -1.19 -7.45 6.55
CA GLY A 207 -0.27 -8.55 6.79
C GLY A 207 -0.85 -9.88 6.43
N ASN A 208 -0.12 -10.93 6.76
CA ASN A 208 -0.40 -12.28 6.30
C ASN A 208 -1.69 -12.91 6.78
N GLU A 209 -2.22 -12.41 7.89
CA GLU A 209 -3.46 -12.93 8.44
C GLU A 209 -4.62 -12.38 7.65
N GLN A 210 -4.53 -11.10 7.31
CA GLN A 210 -5.53 -10.43 6.51
C GLN A 210 -5.51 -10.91 5.06
N ILE A 211 -4.31 -11.15 4.53
CA ILE A 211 -4.13 -11.72 3.20
C ILE A 211 -4.89 -13.04 3.09
N GLN A 212 -4.84 -13.86 4.13
CA GLN A 212 -5.57 -15.13 4.13
C GLN A 212 -7.07 -14.91 4.09
N MET A 213 -7.53 -13.80 4.65
CA MET A 213 -8.93 -13.47 4.60
C MET A 213 -9.31 -13.12 3.17
N VAL A 214 -8.50 -12.29 2.53
CA VAL A 214 -8.72 -11.92 1.14
C VAL A 214 -8.66 -13.14 0.24
N ILE A 215 -7.68 -14.00 0.45
CA ILE A 215 -7.60 -15.25 -0.30
C ILE A 215 -8.83 -16.12 -0.08
N ASP A 216 -9.16 -16.41 1.17
CA ASP A 216 -10.29 -17.25 1.53
C ASP A 216 -11.66 -16.79 1.01
N SER A 217 -11.79 -15.52 0.64
CA SER A 217 -13.07 -15.01 0.16
C SER A 217 -13.41 -15.45 -1.26
N GLY A 218 -12.39 -15.76 -2.04
CA GLY A 218 -12.55 -16.20 -3.40
C GLY A 218 -12.39 -15.09 -4.41
N ILE A 219 -11.94 -13.94 -3.94
CA ILE A 219 -11.88 -12.75 -4.75
C ILE A 219 -10.65 -12.68 -5.65
N VAL A 220 -9.61 -13.43 -5.35
CA VAL A 220 -8.36 -13.26 -6.08
C VAL A 220 -8.42 -13.65 -7.59
N PRO A 221 -9.10 -14.76 -7.95
CA PRO A 221 -9.27 -15.03 -9.39
C PRO A 221 -9.95 -13.93 -10.16
N HIS A 222 -10.67 -13.05 -9.47
CA HIS A 222 -11.31 -11.88 -10.08
C HIS A 222 -10.45 -10.65 -9.98
N LEU A 223 -9.43 -10.67 -9.14
CA LEU A 223 -8.55 -9.53 -8.94
C LEU A 223 -7.32 -9.54 -9.86
N VAL A 224 -6.70 -10.70 -10.03
CA VAL A 224 -5.52 -10.84 -10.88
C VAL A 224 -5.78 -10.37 -12.32
N PRO A 225 -6.95 -10.68 -12.90
CA PRO A 225 -7.19 -10.19 -14.26
C PRO A 225 -7.24 -8.67 -14.44
N LEU A 226 -7.20 -7.91 -13.35
CA LEU A 226 -7.31 -6.45 -13.45
C LEU A 226 -5.91 -5.84 -13.60
N LEU A 227 -4.91 -6.71 -13.63
CA LEU A 227 -3.57 -6.29 -14.00
C LEU A 227 -3.52 -5.88 -15.48
N SER A 228 -4.50 -6.34 -16.25
CA SER A 228 -4.60 -6.03 -17.66
C SER A 228 -5.82 -5.19 -17.99
N HIS A 229 -6.41 -4.53 -17.00
CA HIS A 229 -7.55 -3.67 -17.26
C HIS A 229 -7.14 -2.55 -18.20
N GLN A 230 -8.08 -2.04 -18.98
CA GLN A 230 -7.73 -1.01 -19.94
C GLN A 230 -7.47 0.29 -19.23
N GLU A 231 -7.84 0.36 -17.98
CA GLU A 231 -7.74 1.58 -17.22
C GLU A 231 -6.53 1.54 -16.30
N VAL A 232 -5.56 2.40 -16.53
CA VAL A 232 -4.31 2.34 -15.81
C VAL A 232 -4.49 2.53 -14.31
N LYS A 233 -5.50 3.30 -13.91
CA LYS A 233 -5.76 3.49 -12.48
C LYS A 233 -6.20 2.20 -11.81
N VAL A 234 -6.88 1.36 -12.55
CA VAL A 234 -7.27 0.07 -12.05
C VAL A 234 -6.07 -0.87 -11.93
N GLN A 235 -5.20 -0.85 -12.93
CA GLN A 235 -4.02 -1.69 -12.96
C GLN A 235 -3.08 -1.37 -11.81
N THR A 236 -2.80 -0.08 -11.64
CA THR A 236 -1.91 0.40 -10.58
C THR A 236 -2.31 -0.12 -9.20
N ALA A 237 -3.60 -0.14 -8.95
CA ALA A 237 -4.13 -0.56 -7.67
C ALA A 237 -4.19 -2.06 -7.55
N ALA A 238 -4.37 -2.73 -8.68
CA ALA A 238 -4.44 -4.17 -8.66
C ALA A 238 -3.04 -4.72 -8.50
N LEU A 239 -2.08 -3.99 -9.02
CA LEU A 239 -0.70 -4.35 -8.89
C LEU A 239 -0.29 -4.28 -7.42
N ARG A 240 -0.72 -3.21 -6.76
CA ARG A 240 -0.46 -3.04 -5.35
C ARG A 240 -1.14 -4.11 -4.52
N ALA A 241 -2.38 -4.44 -4.87
CA ALA A 241 -3.14 -5.40 -4.09
C ALA A 241 -2.55 -6.79 -4.21
N VAL A 242 -2.34 -7.25 -5.43
CA VAL A 242 -1.82 -8.58 -5.69
C VAL A 242 -0.37 -8.64 -5.24
N GLY A 243 0.32 -7.52 -5.36
CA GLY A 243 1.68 -7.42 -4.90
C GLY A 243 1.85 -7.63 -3.41
N ASN A 244 0.91 -7.10 -2.65
CA ASN A 244 0.87 -7.29 -1.21
C ASN A 244 0.71 -8.74 -0.83
N ILE A 245 -0.14 -9.43 -1.57
CA ILE A 245 -0.42 -10.84 -1.33
C ILE A 245 0.83 -11.69 -1.49
N VAL A 246 1.65 -11.38 -2.48
CA VAL A 246 2.83 -12.21 -2.77
C VAL A 246 4.01 -11.81 -1.91
N THR A 247 3.79 -10.93 -0.94
CA THR A 247 4.74 -10.77 0.16
C THR A 247 4.35 -11.71 1.29
N GLY A 248 3.30 -12.50 1.07
CA GLY A 248 2.82 -13.45 2.06
C GLY A 248 3.63 -14.72 2.01
N THR A 249 3.13 -15.77 2.63
CA THR A 249 3.84 -17.06 2.61
C THR A 249 3.97 -17.60 1.20
N ASP A 250 4.64 -18.73 1.04
CA ASP A 250 4.82 -19.29 -0.29
C ASP A 250 3.50 -19.82 -0.82
N GLU A 251 2.73 -20.44 0.07
CA GLU A 251 1.43 -20.97 -0.26
C GLU A 251 0.47 -19.86 -0.65
N GLN A 252 0.59 -18.71 -0.02
CA GLN A 252 -0.28 -17.59 -0.36
C GLN A 252 0.11 -17.05 -1.72
N THR A 253 1.41 -16.91 -1.95
CA THR A 253 1.97 -16.47 -3.21
C THR A 253 1.52 -17.35 -4.36
N GLN A 254 1.48 -18.65 -4.10
CA GLN A 254 1.07 -19.61 -5.11
C GLN A 254 -0.37 -19.43 -5.54
N VAL A 255 -1.20 -18.89 -4.66
CA VAL A 255 -2.61 -18.78 -4.99
C VAL A 255 -2.72 -17.80 -6.13
N VAL A 256 -1.92 -16.76 -6.06
CA VAL A 256 -1.88 -15.73 -7.08
C VAL A 256 -1.31 -16.24 -8.40
N LEU A 257 -0.16 -16.89 -8.34
CA LEU A 257 0.49 -17.44 -9.52
C LEU A 257 -0.40 -18.41 -10.27
N ASN A 258 -1.24 -19.12 -9.52
CA ASN A 258 -2.13 -20.10 -10.09
C ASN A 258 -3.29 -19.45 -10.82
N CYS A 259 -3.41 -18.13 -10.69
CA CYS A 259 -4.44 -17.38 -11.40
C CYS A 259 -3.85 -16.80 -12.65
N ASP A 260 -2.65 -17.28 -12.96
CA ASP A 260 -1.86 -16.89 -14.14
C ASP A 260 -1.39 -15.45 -14.08
N ALA A 261 -0.86 -15.07 -12.93
CA ALA A 261 -0.47 -13.70 -12.70
C ALA A 261 0.66 -13.28 -13.64
N LEU A 262 1.58 -14.19 -13.93
CA LEU A 262 2.82 -13.79 -14.57
C LEU A 262 2.63 -13.51 -16.05
N SER A 263 1.53 -13.97 -16.60
CA SER A 263 1.18 -13.71 -17.98
C SER A 263 0.88 -12.26 -18.23
N HIS A 264 0.63 -11.51 -17.16
CA HIS A 264 0.21 -10.13 -17.25
C HIS A 264 1.38 -9.19 -17.18
N PHE A 265 2.57 -9.73 -16.97
CA PHE A 265 3.71 -8.89 -16.65
C PHE A 265 4.59 -8.35 -17.80
N PRO A 266 4.68 -9.04 -18.95
CA PRO A 266 5.30 -8.39 -20.09
C PRO A 266 4.83 -6.98 -20.40
N ALA A 267 3.54 -6.72 -20.20
CA ALA A 267 2.96 -5.44 -20.60
C ALA A 267 3.13 -4.41 -19.50
N LEU A 268 3.71 -4.82 -18.39
CA LEU A 268 3.95 -3.94 -17.26
C LEU A 268 5.43 -3.63 -17.18
N LEU A 269 6.23 -4.62 -17.53
CA LEU A 269 7.68 -4.47 -17.61
C LEU A 269 8.10 -3.60 -18.78
N THR A 270 7.27 -3.50 -19.80
CA THR A 270 7.60 -2.67 -20.95
C THR A 270 6.71 -1.45 -21.02
N HIS A 271 5.90 -1.25 -20.00
CA HIS A 271 5.01 -0.10 -19.94
C HIS A 271 5.76 1.22 -20.06
N PRO A 272 5.18 2.17 -20.76
CA PRO A 272 5.69 3.52 -20.85
C PRO A 272 6.02 4.14 -19.51
N LYS A 273 5.11 4.02 -18.54
CA LYS A 273 5.28 4.63 -17.24
C LYS A 273 6.26 3.89 -16.35
N GLU A 274 7.27 4.60 -15.87
CA GLU A 274 8.32 4.00 -15.06
C GLU A 274 7.79 3.52 -13.71
N LYS A 275 6.78 4.22 -13.20
CA LYS A 275 6.14 3.84 -11.96
C LYS A 275 5.53 2.46 -12.05
N ILE A 276 4.96 2.12 -13.21
CA ILE A 276 4.43 0.78 -13.42
C ILE A 276 5.54 -0.25 -13.56
N ASN A 277 6.59 0.14 -14.29
CA ASN A 277 7.81 -0.64 -14.35
C ASN A 277 8.31 -1.06 -12.98
N LYS A 278 8.55 -0.07 -12.14
CA LYS A 278 9.04 -0.23 -10.76
C LYS A 278 8.20 -1.19 -9.91
N GLU A 279 6.89 -1.04 -9.96
CA GLU A 279 5.98 -1.86 -9.19
C GLU A 279 5.87 -3.27 -9.74
N ALA A 280 6.18 -3.42 -11.01
CA ALA A 280 6.11 -4.73 -11.63
C ALA A 280 7.30 -5.56 -11.22
N VAL A 281 8.47 -4.95 -11.18
CA VAL A 281 9.67 -5.66 -10.76
C VAL A 281 9.72 -5.86 -9.25
N TRP A 282 9.20 -4.90 -8.49
CA TRP A 282 8.93 -5.09 -7.07
C TRP A 282 8.19 -6.40 -6.84
N PHE A 283 7.04 -6.50 -7.49
CA PHE A 283 6.23 -7.69 -7.45
C PHE A 283 7.08 -8.91 -7.74
N LEU A 284 7.74 -8.91 -8.88
CA LEU A 284 8.56 -10.04 -9.32
C LEU A 284 9.71 -10.34 -8.37
N SER A 285 10.30 -9.32 -7.78
CA SER A 285 11.30 -9.52 -6.72
C SER A 285 10.75 -10.32 -5.55
N ASN A 286 9.48 -10.11 -5.22
CA ASN A 286 8.84 -10.88 -4.17
C ASN A 286 8.57 -12.31 -4.61
N ILE A 287 8.57 -12.56 -5.90
CA ILE A 287 8.36 -13.93 -6.36
C ILE A 287 9.68 -14.67 -6.32
N THR A 288 10.77 -14.01 -6.68
CA THR A 288 12.08 -14.66 -6.67
C THR A 288 12.58 -14.84 -5.26
N ALA A 289 11.77 -14.40 -4.30
CA ALA A 289 12.06 -14.62 -2.90
C ALA A 289 11.29 -15.83 -2.42
N GLY A 290 10.55 -16.44 -3.34
CA GLY A 290 9.73 -17.60 -3.07
C GLY A 290 10.51 -18.89 -3.15
N ASN A 291 9.84 -20.01 -3.37
CA ASN A 291 10.54 -21.27 -3.49
C ASN A 291 11.04 -21.47 -4.91
N GLN A 292 11.63 -22.63 -5.16
CA GLN A 292 12.31 -22.87 -6.42
C GLN A 292 11.33 -23.03 -7.55
N GLN A 293 10.19 -23.66 -7.23
CA GLN A 293 9.11 -23.78 -8.18
C GLN A 293 8.65 -22.41 -8.65
N GLN A 294 8.71 -21.43 -7.75
CA GLN A 294 8.27 -20.08 -8.05
C GLN A 294 9.33 -19.26 -8.79
N VAL A 295 10.60 -19.49 -8.49
CA VAL A 295 11.67 -18.94 -9.31
C VAL A 295 11.58 -19.50 -10.73
N GLN A 296 11.28 -20.80 -10.84
CA GLN A 296 11.17 -21.46 -12.12
C GLN A 296 10.05 -20.85 -12.93
N ALA A 297 8.99 -20.45 -12.26
CA ALA A 297 7.82 -19.92 -12.93
C ALA A 297 8.08 -18.57 -13.55
N VAL A 298 8.99 -17.81 -12.96
CA VAL A 298 9.34 -16.49 -13.47
C VAL A 298 10.20 -16.67 -14.72
N ILE A 299 11.07 -17.67 -14.66
CA ILE A 299 11.96 -17.97 -15.75
C ILE A 299 11.15 -18.49 -16.93
N ASP A 300 10.31 -19.48 -16.68
CA ASP A 300 9.45 -20.06 -17.70
C ASP A 300 8.52 -19.04 -18.35
N ALA A 301 8.20 -17.98 -17.63
CA ALA A 301 7.30 -16.98 -18.17
C ALA A 301 8.05 -15.97 -19.04
N ASN A 302 9.34 -16.23 -19.25
CA ASN A 302 10.22 -15.41 -20.08
C ASN A 302 10.40 -13.99 -19.57
N LEU A 303 10.48 -13.84 -18.27
CA LEU A 303 10.43 -12.52 -17.65
C LEU A 303 11.79 -12.02 -17.25
N VAL A 304 12.75 -12.92 -17.10
CA VAL A 304 14.08 -12.56 -16.65
C VAL A 304 14.83 -11.58 -17.58
N PRO A 305 14.80 -11.78 -18.91
CA PRO A 305 15.47 -10.79 -19.73
C PRO A 305 14.88 -9.38 -19.65
N MET A 306 13.59 -9.24 -19.41
CA MET A 306 13.01 -7.90 -19.25
C MET A 306 13.41 -7.31 -17.92
N ILE A 307 13.68 -8.18 -16.98
CA ILE A 307 14.13 -7.74 -15.68
C ILE A 307 15.54 -7.24 -15.80
N ILE A 308 16.39 -8.02 -16.45
CA ILE A 308 17.78 -7.65 -16.61
C ILE A 308 17.88 -6.41 -17.49
N HIS A 309 16.88 -6.20 -18.34
CA HIS A 309 16.90 -5.03 -19.18
C HIS A 309 16.58 -3.77 -18.38
N LEU A 310 15.56 -3.85 -17.56
CA LEU A 310 15.20 -2.76 -16.70
C LEU A 310 16.28 -2.54 -15.65
N LEU A 311 16.95 -3.61 -15.26
CA LEU A 311 18.07 -3.53 -14.37
C LEU A 311 19.17 -2.69 -15.00
N ASP A 312 19.28 -2.77 -16.32
CA ASP A 312 20.32 -2.07 -17.06
C ASP A 312 19.90 -0.65 -17.47
N LYS A 313 18.71 -0.48 -18.02
CA LYS A 313 18.35 0.79 -18.63
C LYS A 313 17.23 1.55 -17.93
N GLY A 314 16.77 1.01 -16.81
CA GLY A 314 15.64 1.59 -16.11
C GLY A 314 16.05 2.73 -15.22
N ASP A 315 15.05 3.47 -14.74
CA ASP A 315 15.29 4.56 -13.82
C ASP A 315 15.78 3.94 -12.54
N PHE A 316 16.30 4.75 -11.62
CA PHE A 316 16.90 4.18 -10.43
C PHE A 316 15.93 3.34 -9.64
N GLY A 317 14.68 3.78 -9.55
CA GLY A 317 13.69 3.09 -8.76
C GLY A 317 13.50 1.67 -9.23
N THR A 318 13.29 1.51 -10.53
CA THR A 318 13.11 0.21 -11.11
C THR A 318 14.37 -0.62 -11.00
N GLN A 319 15.53 0.02 -11.04
CA GLN A 319 16.80 -0.68 -10.89
C GLN A 319 16.97 -1.24 -9.49
N LYS A 320 16.50 -0.48 -8.51
CA LYS A 320 16.58 -0.89 -7.12
C LYS A 320 15.76 -2.15 -6.91
N GLU A 321 14.54 -2.14 -7.46
CA GLU A 321 13.66 -3.29 -7.39
C GLU A 321 14.19 -4.46 -8.19
N ALA A 322 14.84 -4.14 -9.31
CA ALA A 322 15.44 -5.15 -10.17
C ALA A 322 16.61 -5.87 -9.52
N ALA A 323 17.50 -5.13 -8.85
CA ALA A 323 18.58 -5.74 -8.11
C ALA A 323 18.12 -6.70 -7.01
N TRP A 324 17.07 -6.34 -6.26
CA TRP A 324 16.50 -7.24 -5.27
C TRP A 324 16.01 -8.54 -5.88
N ALA A 325 15.25 -8.42 -6.94
CA ALA A 325 14.82 -9.55 -7.74
C ALA A 325 15.97 -10.48 -8.10
N ILE A 326 17.06 -9.91 -8.61
CA ILE A 326 18.20 -10.71 -8.98
C ILE A 326 18.79 -11.33 -7.74
N SER A 327 19.08 -10.51 -6.74
CA SER A 327 19.65 -11.00 -5.49
C SER A 327 18.78 -12.06 -4.82
N ASN A 328 17.48 -11.83 -4.75
CA ASN A 328 16.61 -12.81 -4.17
C ASN A 328 16.66 -14.13 -4.92
N LEU A 329 16.73 -14.08 -6.24
CA LEU A 329 16.83 -15.32 -7.02
C LEU A 329 18.13 -16.01 -6.69
N THR A 330 19.15 -15.21 -6.45
CA THR A 330 20.49 -15.71 -6.24
C THR A 330 20.60 -16.59 -5.01
N ILE A 331 19.65 -16.49 -4.11
CA ILE A 331 19.70 -17.31 -2.90
C ILE A 331 18.51 -18.26 -2.83
N SER A 332 17.44 -17.95 -3.56
CA SER A 332 16.27 -18.81 -3.63
C SER A 332 16.49 -19.99 -4.56
N GLY A 333 17.19 -19.73 -5.66
CA GLY A 333 17.28 -20.67 -6.76
C GLY A 333 18.21 -21.87 -6.66
N ARG A 334 18.01 -22.81 -7.59
CA ARG A 334 18.92 -23.92 -7.81
C ARG A 334 20.15 -23.47 -8.55
N LYS A 335 21.08 -24.39 -8.73
CA LYS A 335 22.34 -24.07 -9.37
C LYS A 335 22.08 -23.68 -10.81
N ASP A 336 21.29 -24.48 -11.50
CA ASP A 336 20.96 -24.21 -12.89
C ASP A 336 20.10 -22.98 -13.04
N GLN A 337 19.31 -22.66 -12.04
CA GLN A 337 18.48 -21.47 -12.14
C GLN A 337 19.38 -20.25 -12.14
N VAL A 338 20.45 -20.32 -11.37
CA VAL A 338 21.42 -19.24 -11.35
C VAL A 338 22.26 -19.27 -12.61
N ALA A 339 22.55 -20.46 -13.12
CA ALA A 339 23.30 -20.62 -14.35
C ALA A 339 22.60 -19.89 -15.49
N TYR A 340 21.29 -20.06 -15.56
CA TYR A 340 20.45 -19.38 -16.51
C TYR A 340 20.59 -17.88 -16.38
N LEU A 341 20.55 -17.39 -15.15
CA LEU A 341 20.74 -15.98 -14.88
C LEU A 341 22.02 -15.46 -15.53
N ILE A 342 23.09 -16.23 -15.43
CA ILE A 342 24.40 -15.82 -15.93
C ILE A 342 24.44 -15.87 -17.45
N GLN A 343 23.86 -16.91 -18.04
CA GLN A 343 23.86 -17.01 -19.49
C GLN A 343 22.85 -16.06 -20.10
N GLN A 344 22.08 -15.37 -19.26
CA GLN A 344 21.19 -14.32 -19.73
C GLN A 344 21.85 -12.96 -19.54
N ASN A 345 23.12 -13.01 -19.18
CA ASN A 345 24.00 -11.85 -19.14
C ASN A 345 23.65 -10.88 -18.01
N VAL A 346 23.49 -11.43 -16.82
CA VAL A 346 23.10 -10.64 -15.66
C VAL A 346 24.28 -9.93 -15.03
N ILE A 347 25.46 -10.51 -15.21
CA ILE A 347 26.68 -10.08 -14.53
C ILE A 347 27.10 -8.65 -14.80
N PRO A 348 27.03 -8.17 -16.05
CA PRO A 348 27.40 -6.77 -16.21
C PRO A 348 26.39 -5.72 -15.71
N PRO A 349 25.09 -5.82 -16.02
CA PRO A 349 24.20 -4.78 -15.49
C PRO A 349 24.04 -4.80 -13.97
N PHE A 350 24.27 -5.96 -13.37
CA PHE A 350 24.22 -6.16 -11.94
C PHE A 350 25.41 -5.42 -11.28
N CYS A 351 26.59 -5.61 -11.85
CA CYS A 351 27.80 -5.00 -11.31
C CYS A 351 27.82 -3.49 -11.43
N ASN A 352 27.17 -2.95 -12.46
CA ASN A 352 27.21 -1.51 -12.65
C ASN A 352 26.47 -0.73 -11.58
N LEU A 353 25.70 -1.43 -10.77
CA LEU A 353 24.90 -0.80 -9.74
C LEU A 353 25.70 -0.57 -8.48
N LEU A 354 26.92 -1.09 -8.45
CA LEU A 354 27.79 -0.94 -7.30
C LEU A 354 28.24 0.49 -7.09
N THR A 355 27.96 1.36 -8.05
CA THR A 355 28.43 2.73 -7.94
C THR A 355 27.40 3.63 -7.30
N VAL A 356 26.14 3.22 -7.27
CA VAL A 356 25.07 4.11 -6.82
C VAL A 356 25.23 4.49 -5.35
N LYS A 357 24.57 5.57 -4.95
CA LYS A 357 24.69 6.12 -3.60
C LYS A 357 23.83 5.39 -2.56
N ASP A 358 22.70 4.86 -2.98
CA ASP A 358 21.87 4.05 -2.11
C ASP A 358 22.65 2.85 -1.57
N ALA A 359 23.00 2.88 -0.30
CA ALA A 359 23.84 1.84 0.27
C ALA A 359 23.18 0.48 0.34
N GLN A 360 21.86 0.46 0.41
CA GLN A 360 21.16 -0.80 0.57
C GLN A 360 21.23 -1.61 -0.71
N VAL A 361 20.99 -0.95 -1.83
CA VAL A 361 21.13 -1.58 -3.13
C VAL A 361 22.52 -2.20 -3.31
N VAL A 362 23.54 -1.47 -2.90
CA VAL A 362 24.92 -1.91 -3.03
C VAL A 362 25.18 -3.18 -2.21
N GLN A 363 24.61 -3.27 -1.02
CA GLN A 363 24.75 -4.50 -0.23
C GLN A 363 23.96 -5.60 -0.89
N VAL A 364 22.91 -5.23 -1.61
CA VAL A 364 22.03 -6.21 -2.23
C VAL A 364 22.66 -6.82 -3.45
N VAL A 365 23.35 -5.99 -4.21
CA VAL A 365 24.18 -6.47 -5.30
C VAL A 365 25.37 -7.29 -4.81
N LEU A 366 26.10 -6.77 -3.83
CA LEU A 366 27.20 -7.52 -3.25
C LEU A 366 26.73 -8.87 -2.72
N ASP A 367 25.57 -8.92 -2.09
CA ASP A 367 25.05 -10.18 -1.60
C ASP A 367 24.76 -11.13 -2.74
N GLY A 368 24.26 -10.58 -3.85
CA GLY A 368 24.01 -11.37 -5.05
C GLY A 368 25.29 -12.00 -5.60
N LEU A 369 26.28 -11.17 -5.88
CA LEU A 369 27.56 -11.65 -6.39
C LEU A 369 28.13 -12.75 -5.52
N SER A 370 28.00 -12.59 -4.22
CA SER A 370 28.57 -13.54 -3.28
C SER A 370 27.87 -14.88 -3.36
N ASN A 371 26.55 -14.86 -3.50
CA ASN A 371 25.82 -16.10 -3.60
C ASN A 371 26.15 -16.80 -4.91
N ILE A 372 26.22 -16.04 -5.98
CA ILE A 372 26.60 -16.57 -7.27
C ILE A 372 27.94 -17.27 -7.21
N LEU A 373 28.92 -16.62 -6.61
CA LEU A 373 30.26 -17.17 -6.51
C LEU A 373 30.35 -18.40 -5.61
N LYS A 374 29.70 -18.36 -4.47
CA LYS A 374 29.72 -19.52 -3.58
C LYS A 374 28.91 -20.66 -4.16
N MET A 375 28.01 -20.37 -5.07
CA MET A 375 27.20 -21.39 -5.64
C MET A 375 27.80 -22.07 -6.85
N ALA A 376 28.26 -21.32 -7.82
CA ALA A 376 28.97 -21.90 -8.96
C ALA A 376 30.37 -22.26 -8.55
N GLU A 377 30.64 -23.56 -8.45
CA GLU A 377 31.85 -24.05 -7.80
C GLU A 377 33.05 -24.18 -8.75
N ASP A 378 32.93 -25.02 -9.77
CA ASP A 378 33.97 -25.13 -10.78
C ASP A 378 34.06 -23.81 -11.54
N GLU A 379 32.98 -23.05 -11.49
CA GLU A 379 32.84 -21.86 -12.28
C GLU A 379 33.11 -20.59 -11.48
N ALA A 380 33.74 -20.73 -10.31
CA ALA A 380 34.10 -19.57 -9.52
C ALA A 380 35.00 -18.65 -10.34
N GLU A 381 36.07 -19.21 -10.85
CA GLU A 381 36.99 -18.47 -11.72
C GLU A 381 36.28 -17.99 -12.97
N THR A 382 35.50 -18.88 -13.56
CA THR A 382 34.78 -18.57 -14.78
C THR A 382 33.89 -17.36 -14.56
N ILE A 383 33.24 -17.31 -13.41
CA ILE A 383 32.37 -16.18 -13.07
C ILE A 383 33.15 -15.03 -12.49
N GLY A 384 34.22 -15.34 -11.76
CA GLY A 384 35.16 -14.32 -11.35
C GLY A 384 35.61 -13.49 -12.53
N ASN A 385 35.98 -14.18 -13.61
CA ASN A 385 36.34 -13.56 -14.88
C ASN A 385 35.26 -12.68 -15.53
N LEU A 386 34.01 -13.10 -15.43
CA LEU A 386 32.89 -12.29 -15.89
C LEU A 386 32.77 -11.00 -15.10
N ILE A 387 32.94 -11.11 -13.79
CA ILE A 387 32.81 -9.97 -12.89
C ILE A 387 33.89 -8.96 -13.17
N GLU A 388 35.08 -9.48 -13.42
CA GLU A 388 36.26 -8.66 -13.62
C GLU A 388 36.19 -7.93 -14.96
N GLU A 389 35.82 -8.65 -16.01
CA GLU A 389 35.80 -8.09 -17.36
C GLU A 389 34.86 -6.90 -17.53
N CYS A 390 33.66 -6.96 -16.94
CA CYS A 390 32.73 -5.84 -17.06
C CYS A 390 33.10 -4.67 -16.17
N GLY A 391 34.18 -4.84 -15.39
CA GLY A 391 34.63 -3.79 -14.50
C GLY A 391 34.00 -3.88 -13.12
N GLY A 392 33.50 -5.05 -12.78
CA GLY A 392 32.82 -5.23 -11.52
C GLY A 392 33.80 -5.32 -10.40
N LEU A 393 34.88 -6.05 -10.62
CA LEU A 393 35.93 -6.23 -9.63
C LEU A 393 36.53 -4.89 -9.23
N GLU A 394 36.71 -4.02 -10.21
CA GLU A 394 37.17 -2.67 -9.96
C GLU A 394 36.23 -1.92 -9.04
N LYS A 395 34.93 -2.17 -9.22
CA LYS A 395 33.91 -1.51 -8.43
C LYS A 395 33.82 -2.09 -7.02
N ILE A 396 33.91 -3.41 -6.94
CA ILE A 396 33.99 -4.09 -5.67
C ILE A 396 35.25 -3.70 -4.90
N GLU A 397 36.38 -3.57 -5.61
CA GLU A 397 37.66 -3.26 -4.98
C GLU A 397 37.64 -1.96 -4.21
N GLN A 398 36.93 -0.97 -4.70
CA GLN A 398 36.95 0.32 -4.03
C GLN A 398 35.72 0.54 -3.17
N LEU A 399 34.92 -0.50 -3.00
CA LEU A 399 33.87 -0.49 -1.98
C LEU A 399 34.49 -0.90 -0.67
N GLN A 400 35.77 -1.20 -0.71
CA GLN A 400 36.51 -1.44 0.49
C GLN A 400 36.92 -0.12 1.11
N ASN A 401 35.96 0.74 1.39
CA ASN A 401 36.20 1.90 2.22
C ASN A 401 35.30 1.90 3.46
N HIS A 402 35.63 2.74 4.43
CA HIS A 402 35.01 2.63 5.75
C HIS A 402 33.75 3.44 5.95
N GLU A 403 33.27 4.14 4.92
CA GLU A 403 32.07 4.95 5.10
C GLU A 403 30.86 4.08 5.39
N ASN A 404 30.91 2.82 4.99
CA ASN A 404 29.94 1.82 5.39
C ASN A 404 30.66 0.52 5.68
N GLU A 405 30.73 0.16 6.96
CA GLU A 405 31.54 -0.95 7.39
C GLU A 405 30.88 -2.27 7.11
N ASP A 406 29.63 -2.24 6.70
CA ASP A 406 28.95 -3.46 6.35
C ASP A 406 29.24 -3.78 4.90
N ILE A 407 29.22 -2.74 4.08
CA ILE A 407 29.59 -2.87 2.70
C ILE A 407 31.03 -3.28 2.66
N TYR A 408 31.87 -2.56 3.40
CA TYR A 408 33.30 -2.83 3.44
C TYR A 408 33.61 -4.30 3.68
N LYS A 409 32.99 -4.87 4.69
CA LYS A 409 33.34 -6.22 5.11
C LYS A 409 33.01 -7.21 4.03
N LEU A 410 31.89 -6.95 3.35
CA LEU A 410 31.38 -7.83 2.31
C LEU A 410 32.23 -7.72 1.04
N ALA A 411 32.70 -6.52 0.76
CA ALA A 411 33.62 -6.32 -0.35
C ALA A 411 34.92 -7.08 -0.09
N TYR A 412 35.37 -7.06 1.15
CA TYR A 412 36.63 -7.69 1.51
C TYR A 412 36.59 -9.20 1.37
N GLU A 413 35.49 -9.82 1.76
CA GLU A 413 35.42 -11.26 1.80
C GLU A 413 35.26 -11.86 0.43
N ILE A 414 34.58 -11.14 -0.45
CA ILE A 414 34.44 -11.54 -1.84
C ILE A 414 35.83 -11.54 -2.48
N ILE A 415 36.52 -10.42 -2.34
CA ILE A 415 37.88 -10.30 -2.84
C ILE A 415 38.85 -11.31 -2.21
N ASP A 416 38.71 -11.57 -0.92
CA ASP A 416 39.61 -12.51 -0.26
C ASP A 416 39.37 -13.93 -0.74
N GLN A 417 38.11 -14.31 -0.91
CA GLN A 417 37.78 -15.69 -1.19
C GLN A 417 37.78 -16.03 -2.69
N PHE A 418 37.68 -15.02 -3.55
CA PHE A 418 37.46 -15.28 -4.96
C PHE A 418 38.37 -14.53 -5.94
N PHE A 419 39.12 -13.54 -5.45
CA PHE A 419 39.92 -12.71 -6.34
C PHE A 419 41.29 -12.40 -5.76
N SER A 420 41.87 -13.39 -5.11
CA SER A 420 43.22 -13.25 -4.60
C SER A 420 44.11 -14.34 -5.18
N SER A 421 44.58 -14.10 -6.41
CA SER A 421 45.38 -15.05 -7.17
C SER A 421 44.73 -16.43 -7.20
N VAL B 14 17.30 -26.64 8.23
CA VAL B 14 16.03 -26.06 8.66
C VAL B 14 16.19 -24.58 8.98
N GLU B 15 17.17 -24.28 9.83
CA GLU B 15 17.37 -22.91 10.29
C GLU B 15 17.94 -22.04 9.19
N SER B 16 18.77 -22.62 8.34
CA SER B 16 19.38 -21.84 7.27
C SER B 16 18.41 -21.69 6.10
N ALA B 17 17.32 -22.46 6.13
CA ALA B 17 16.30 -22.36 5.09
C ALA B 17 15.40 -21.17 5.38
N VAL B 18 15.13 -20.98 6.67
CA VAL B 18 14.44 -19.79 7.13
C VAL B 18 15.19 -18.57 6.68
N LEU B 19 16.51 -18.61 6.92
CA LEU B 19 17.37 -17.47 6.68
C LEU B 19 17.51 -17.16 5.21
N ARG B 20 17.06 -18.08 4.37
CA ARG B 20 17.09 -17.86 2.93
C ARG B 20 15.95 -16.94 2.51
N GLY B 21 15.14 -16.52 3.47
CA GLY B 21 14.11 -15.52 3.25
C GLY B 21 14.55 -14.16 3.76
N PHE B 22 15.77 -14.07 4.25
CA PHE B 22 16.27 -12.85 4.88
C PHE B 22 17.61 -12.40 4.36
N LEU B 23 17.78 -11.09 4.24
CA LEU B 23 19.05 -10.50 3.89
C LEU B 23 19.83 -10.07 5.12
N ILE B 24 20.97 -10.71 5.35
CA ILE B 24 21.90 -10.29 6.40
C ILE B 24 22.54 -8.95 6.07
N LEU B 25 22.18 -7.92 6.82
CA LEU B 25 22.63 -6.56 6.56
C LEU B 25 23.95 -6.18 7.22
N GLY B 26 24.28 -6.81 8.34
CA GLY B 26 25.45 -6.43 9.08
C GLY B 26 25.36 -6.72 10.57
N LYS B 27 26.07 -5.90 11.36
CA LYS B 27 26.16 -6.09 12.79
C LYS B 27 24.85 -5.81 13.46
N GLU B 28 24.67 -6.37 14.65
CA GLU B 28 23.55 -6.05 15.50
C GLU B 28 23.33 -4.55 15.61
N ASP B 29 22.07 -4.16 15.57
CA ASP B 29 21.67 -2.79 15.72
C ASP B 29 20.50 -2.86 16.68
N ARG B 30 20.73 -2.50 17.94
CA ARG B 30 19.73 -2.77 18.97
C ARG B 30 18.56 -1.81 18.85
N ARG B 31 18.69 -0.82 17.98
CA ARG B 31 17.55 -0.02 17.59
C ARG B 31 16.39 -0.90 17.15
N TYR B 32 16.72 -2.08 16.65
CA TYR B 32 15.71 -3.00 16.13
C TYR B 32 15.41 -4.09 17.12
N GLY B 33 15.62 -3.79 18.39
CA GLY B 33 15.18 -4.66 19.45
C GLY B 33 16.19 -5.71 19.84
N PRO B 34 15.85 -6.49 20.87
CA PRO B 34 16.68 -7.62 21.31
C PRO B 34 16.67 -8.74 20.28
N ALA B 35 17.79 -9.45 20.17
CA ALA B 35 17.95 -10.53 19.22
C ALA B 35 16.77 -11.48 19.24
N LEU B 36 16.41 -11.97 18.06
CA LEU B 36 15.31 -12.92 17.93
C LEU B 36 15.86 -14.30 17.69
N SER B 37 14.99 -15.29 17.81
CA SER B 37 15.34 -16.64 17.43
C SER B 37 15.05 -16.82 15.97
N ILE B 38 15.72 -17.78 15.33
CA ILE B 38 15.48 -18.08 13.94
C ILE B 38 14.01 -18.44 13.70
N ASN B 39 13.37 -19.04 14.69
CA ASN B 39 11.96 -19.39 14.54
C ASN B 39 11.04 -18.19 14.68
N GLU B 40 11.47 -17.22 15.49
CA GLU B 40 10.68 -16.01 15.69
C GLU B 40 10.85 -15.07 14.51
N LEU B 41 11.84 -15.33 13.67
CA LEU B 41 12.09 -14.56 12.47
C LEU B 41 10.90 -14.58 11.52
N SER B 42 10.25 -15.72 11.40
CA SER B 42 9.10 -15.84 10.50
C SER B 42 7.84 -15.12 10.96
N ASN B 43 7.97 -14.25 11.96
CA ASN B 43 6.83 -13.48 12.46
C ASN B 43 6.92 -12.03 12.03
N LEU B 44 7.89 -11.70 11.20
CA LEU B 44 8.13 -10.33 10.78
C LEU B 44 7.19 -9.89 9.69
N ALA B 45 7.04 -8.58 9.56
CA ALA B 45 6.26 -8.03 8.48
C ALA B 45 7.15 -7.83 7.26
N LYS B 46 6.55 -7.42 6.16
CA LYS B 46 7.26 -7.33 4.92
C LYS B 46 8.30 -6.25 5.02
N GLY B 47 9.53 -6.56 4.65
CA GLY B 47 10.62 -5.61 4.63
C GLY B 47 11.16 -5.29 6.01
N GLU B 48 10.69 -5.99 7.02
CA GLU B 48 11.00 -5.63 8.40
C GLU B 48 12.40 -6.06 8.80
N LYS B 49 13.14 -5.16 9.45
CA LYS B 49 14.47 -5.47 9.94
C LYS B 49 14.45 -5.91 11.40
N ALA B 50 15.34 -6.84 11.72
CA ALA B 50 15.37 -7.45 13.03
C ALA B 50 16.80 -7.85 13.34
N ASN B 51 17.15 -8.00 14.60
CA ASN B 51 18.41 -8.65 14.94
C ASN B 51 18.10 -10.09 15.28
N VAL B 52 18.91 -11.01 14.79
CA VAL B 52 18.62 -12.42 15.03
C VAL B 52 19.89 -13.17 15.46
N LEU B 53 19.71 -14.24 16.22
CA LEU B 53 20.81 -15.04 16.72
C LEU B 53 21.04 -16.25 15.82
N ILE B 54 22.13 -16.23 15.07
CA ILE B 54 22.38 -17.27 14.06
C ILE B 54 23.44 -18.29 14.49
N GLY B 55 23.89 -18.19 15.73
CA GLY B 55 24.88 -19.11 16.25
C GLY B 55 25.32 -18.62 17.61
N GLN B 56 26.14 -19.41 18.30
CA GLN B 56 26.63 -19.00 19.60
C GLN B 56 27.41 -17.70 19.49
N GLY B 57 26.94 -16.69 20.21
CA GLY B 57 27.55 -15.37 20.17
C GLY B 57 27.49 -14.76 18.78
N ASP B 58 26.43 -15.05 18.04
CA ASP B 58 26.31 -14.60 16.66
C ASP B 58 25.01 -13.82 16.41
N VAL B 59 25.06 -12.51 16.62
CA VAL B 59 23.88 -11.68 16.42
C VAL B 59 24.09 -10.68 15.30
N VAL B 60 23.26 -10.79 14.26
CA VAL B 60 23.32 -9.90 13.10
C VAL B 60 21.97 -9.27 12.77
N LEU B 61 22.02 -8.12 12.10
CA LEU B 61 20.83 -7.49 11.57
C LEU B 61 20.42 -8.13 10.24
N VAL B 62 19.15 -8.41 10.09
CA VAL B 62 18.68 -8.98 8.84
C VAL B 62 17.49 -8.19 8.35
N MET B 63 17.15 -8.35 7.08
CA MET B 63 16.00 -7.71 6.49
C MET B 63 15.19 -8.80 5.82
N LYS B 64 13.87 -8.68 5.82
CA LYS B 64 13.05 -9.70 5.21
C LYS B 64 13.09 -9.49 3.72
N ARG B 65 13.22 -10.57 2.96
CA ARG B 65 13.39 -10.48 1.50
C ARG B 65 12.08 -10.27 0.76
N LYS B 66 10.96 -10.67 1.36
CA LYS B 66 9.68 -10.25 0.87
C LYS B 66 9.42 -8.85 1.43
N ARG B 67 9.34 -7.87 0.55
CA ARG B 67 9.50 -6.48 0.93
C ARG B 67 8.26 -5.60 0.87
N ASP B 68 8.39 -4.43 1.45
CA ASP B 68 7.31 -3.47 1.51
C ASP B 68 7.28 -2.65 0.22
N SER B 69 6.22 -1.87 0.04
CA SER B 69 6.06 -1.04 -1.14
C SER B 69 6.40 0.42 -0.91
N SER B 70 6.69 1.15 -1.98
CA SER B 70 6.99 2.58 -1.86
C SER B 70 5.74 3.37 -1.52
N ILE B 71 5.91 4.48 -0.83
CA ILE B 71 4.78 5.31 -0.44
C ILE B 71 4.16 5.98 -1.65
N LEU B 72 2.85 5.84 -1.77
CA LEU B 72 2.11 6.49 -2.85
C LEU B 72 1.89 7.95 -2.53
N THR B 73 1.76 8.75 -3.58
CA THR B 73 1.49 10.18 -3.47
C THR B 73 0.47 10.58 -4.51
N ASP B 74 0.86 10.47 -5.78
CA ASP B 74 0.04 10.83 -6.92
C ASP B 74 -0.99 9.75 -7.21
N SER B 75 -0.64 8.51 -6.89
CA SER B 75 -1.55 7.39 -7.06
C SER B 75 -2.76 7.58 -6.17
N GLN B 76 -3.89 7.03 -6.60
CA GLN B 76 -5.20 7.30 -6.00
C GLN B 76 -5.25 7.23 -4.48
N THR B 77 -5.60 8.36 -3.87
CA THR B 77 -5.71 8.47 -2.42
C THR B 77 -7.13 8.88 -2.01
N ALA B 78 -7.36 10.19 -1.98
CA ALA B 78 -8.62 10.79 -1.53
C ALA B 78 -9.02 10.26 -0.17
N THR B 79 -8.40 10.77 0.88
CA THR B 79 -8.78 10.41 2.24
C THR B 79 -9.95 11.26 2.69
N LYS B 80 -9.89 12.55 2.35
CA LYS B 80 -10.95 13.49 2.62
C LYS B 80 -11.39 14.19 1.34
N ARG B 81 -12.69 14.43 1.22
CA ARG B 81 -13.29 15.00 0.03
C ARG B 81 -14.30 16.06 0.37
N ILE B 82 -14.14 17.24 -0.19
CA ILE B 82 -15.08 18.31 0.04
C ILE B 82 -16.16 18.28 -1.03
N ARG B 83 -17.38 18.65 -0.69
CA ARG B 83 -18.43 18.75 -1.69
C ARG B 83 -18.54 20.19 -2.19
N MET B 84 -18.24 20.39 -3.47
CA MET B 84 -18.22 21.72 -4.04
C MET B 84 -19.59 22.20 -4.44
N ALA B 85 -20.43 21.26 -4.86
CA ALA B 85 -21.76 21.59 -5.33
C ALA B 85 -22.65 20.36 -5.31
N ILE B 86 -23.85 20.51 -5.84
CA ILE B 86 -24.79 19.41 -5.94
C ILE B 86 -24.41 18.40 -7.03
N ASN B 87 -24.05 18.90 -8.21
CA ASN B 87 -23.67 18.02 -9.33
C ASN B 87 -22.84 18.69 -10.41
#